data_9IIY
#
_entry.id   9IIY
#
_cell.length_a   1.00
_cell.length_b   1.00
_cell.length_c   1.00
_cell.angle_alpha   90.00
_cell.angle_beta   90.00
_cell.angle_gamma   90.00
#
_symmetry.space_group_name_H-M   'P 1'
#
loop_
_entity.id
_entity.type
_entity.pdbx_description
1 polymer Piwi
2 polymer "RNA (5'-R(P*UP*AP*GP*CP*AP*GP*AP*UP*CP*GP*GP*UP*UP*GP*UP*AP*UP*AP*GP*AP*CP*G)-3')"
3 polymer "RNA (5'-R(P*CP*GP*UP*CP*UP*AP*UP*AP*CP*AP*AP*CP*CP*GP*AP*UP*CP*AP*GP*CP*U)-3')"
#
loop_
_entity_poly.entity_id
_entity_poly.type
_entity_poly.pdbx_seq_one_letter_code
_entity_poly.pdbx_strand_id
1 'polypeptide(L)'
;MSGRGGRGAALLKALEQPVRRPGQQPVQSGDQVAGPPSLTSATVSTVGVVQQHTVADVDRCPPLATPASGQPLTLHRPLG
SPAVLPLGGRGGRGSRSVEPVEPRVASEPPSLISFGPSSPERAHTETEITPPTAVSVQQRPSSQTISRGVPAVGRGSMLR
DPTSHVRLPQLYSSGGSPVVQTATATPTVSPPALSPSPPLLTQSPPSQSPLPIKAIKDLSLNVESSMVSQRGSSGQPVPV
SANYLPLKGNMDGVFKYAVGFNPPVEDIRSRSQLLNEHKELIGLTRVFDGSTLYVPKRICEQRLDLMSTRQTDGASIKVT
ISLVDSVKNRDVVQLMNVIFKRILRSLKLQRIGRDYYDANSPLEVPQHKMQLWPGYVTAINRHEGGLMLVLDVSHRVMKT
DTALDFLYELYHFNQDKFREEAFKQLVGSVVLTRYNNRTYEIDDIAWDKNPRCAFQDHAGSQITFVDYYKRAYDLDITDL
EQPLLIHRPKKKQRGKQDEGRKEVEEMVCLVPELCAMTGLTDAARSDFKVMKDLAVHTRVPPEKRAESFRKFIQRLNTTK
EASELLHSWGLVLDSRMLDMQGRRLPPEKILFKHSSIVANMEADWSRECLKEHVISAVSLLDWAVLFVRKDQGKATDFVN
MLSKVCPPIGMEVHEPKMVEVVNDRTESYLRALRELIAPRLQMVVIVFPTSRDDRYSAVKKLCCIESPIPSQVLIARTIT
QQQKLRSVAQKVALQMNAKLGGELWAVEIPLKSCMVVGIDVYHDKSYGNKSIAGFVASTNPSFTRWYSRTAMQEQSQELI
HELKLCMQAALKKYNEMNQSLPERIIVFRDGVGEGREEYVSEFEVPQFNSCFSIFGENYCPKLAVVVVQKRITTRIFGRS
GHSYDNPPPGVIVDHTITKSYDFYLVSQHVRQGTVSPTYYRVIYDKSGLKPDHLQRLTYKLTHMYYNWPGTIRTPAPCNY
AHKLAFLVGKSLHRDPAHELSDRLFFL
;
A
2 'polyribonucleotide' UAGCAGAUCGGUUGUAUAGACG B
3 'polyribonucleotide' CGUCUAUACAACCGAUCAGCU C
#
# COMPACT_ATOMS: atom_id res chain seq x y z
N ALA A 242 -5.43 18.94 -2.20
CA ALA A 242 -4.36 19.35 -3.11
C ALA A 242 -3.15 19.86 -2.33
N ASN A 243 -2.10 19.03 -2.26
CA ASN A 243 -0.91 19.35 -1.48
C ASN A 243 0.35 19.06 -2.28
N TYR A 244 0.33 19.35 -3.57
CA TYR A 244 1.44 19.02 -4.47
C TYR A 244 2.04 20.31 -5.02
N LEU A 245 3.36 20.40 -4.99
CA LEU A 245 4.07 21.62 -5.34
C LEU A 245 5.14 21.35 -6.39
N PRO A 246 5.17 22.10 -7.49
CA PRO A 246 6.22 21.93 -8.49
C PRO A 246 7.55 22.54 -8.02
N LEU A 247 8.63 22.06 -8.61
CA LEU A 247 9.96 22.63 -8.41
C LEU A 247 10.59 22.84 -9.78
N LYS A 248 10.71 24.10 -10.20
CA LYS A 248 11.35 24.44 -11.45
C LYS A 248 12.83 24.69 -11.23
N GLY A 249 13.51 25.22 -12.24
CA GLY A 249 14.93 25.46 -12.16
C GLY A 249 15.66 24.96 -13.40
N ASN A 250 16.59 24.03 -13.22
CA ASN A 250 17.30 23.44 -14.36
C ASN A 250 16.51 22.24 -14.83
N MET A 251 15.55 22.49 -15.74
CA MET A 251 14.71 21.41 -16.25
C MET A 251 15.54 20.35 -16.96
N ASP A 252 16.51 20.77 -17.77
CA ASP A 252 17.34 19.83 -18.51
C ASP A 252 18.73 20.43 -18.67
N GLY A 253 19.69 19.55 -18.94
CA GLY A 253 21.07 19.96 -19.09
C GLY A 253 21.95 19.72 -17.87
N VAL A 254 21.41 19.14 -16.81
CA VAL A 254 22.21 18.85 -15.61
C VAL A 254 23.13 17.68 -15.91
N PHE A 255 24.41 17.97 -16.14
CA PHE A 255 25.40 16.95 -16.41
C PHE A 255 26.05 16.52 -15.10
N LYS A 256 27.02 15.60 -15.20
CA LYS A 256 27.57 14.96 -14.00
C LYS A 256 29.08 14.80 -14.11
N TYR A 257 29.77 15.17 -13.03
CA TYR A 257 31.16 14.76 -12.83
C TYR A 257 31.15 13.35 -12.26
N ALA A 258 32.29 12.89 -11.76
CA ALA A 258 32.40 11.54 -11.20
C ALA A 258 33.21 11.58 -9.92
N VAL A 259 33.18 10.46 -9.19
CA VAL A 259 34.03 10.26 -8.02
C VAL A 259 34.66 8.88 -8.13
N GLY A 260 35.99 8.83 -8.13
CA GLY A 260 36.68 7.55 -8.06
C GLY A 260 36.65 7.00 -6.64
N PHE A 261 36.72 5.67 -6.55
CA PHE A 261 36.72 4.97 -5.27
C PHE A 261 37.90 3.99 -5.27
N ASN A 262 39.02 4.42 -4.70
CA ASN A 262 40.22 3.61 -4.66
C ASN A 262 41.16 4.11 -3.56
N PRO A 263 41.57 3.24 -2.64
CA PRO A 263 41.18 1.84 -2.47
C PRO A 263 40.24 1.63 -1.28
N PRO A 264 39.36 0.63 -1.35
CA PRO A 264 38.58 0.25 -0.16
C PRO A 264 39.42 -0.62 0.77
N VAL A 265 39.52 -0.22 2.03
CA VAL A 265 40.43 -0.88 2.96
C VAL A 265 39.66 -1.48 4.13
N GLU A 266 38.98 -0.63 4.90
CA GLU A 266 38.38 -1.06 6.16
C GLU A 266 36.93 -1.50 6.00
N ASP A 267 36.06 -0.60 5.57
CA ASP A 267 34.63 -0.87 5.51
C ASP A 267 34.01 -0.06 4.39
N ILE A 268 32.69 0.08 4.42
CA ILE A 268 32.00 0.94 3.45
C ILE A 268 32.46 2.38 3.61
N ARG A 269 32.76 2.80 4.84
CA ARG A 269 33.29 4.15 5.07
C ARG A 269 34.65 4.34 4.42
N SER A 270 35.43 3.28 4.27
CA SER A 270 36.73 3.41 3.61
C SER A 270 36.59 3.91 2.18
N ARG A 271 35.49 3.57 1.51
CA ARG A 271 35.20 4.09 0.18
C ARG A 271 34.39 5.38 0.24
N SER A 272 33.51 5.51 1.23
CA SER A 272 32.68 6.70 1.35
C SER A 272 33.47 7.93 1.76
N GLN A 273 34.66 7.76 2.34
CA GLN A 273 35.44 8.89 2.83
C GLN A 273 36.21 9.60 1.72
N LEU A 274 36.20 9.09 0.49
CA LEU A 274 36.92 9.74 -0.59
C LEU A 274 36.32 11.08 -0.98
N LEU A 275 35.10 11.38 -0.53
CA LEU A 275 34.53 12.70 -0.67
C LEU A 275 34.14 13.33 0.66
N ASN A 276 34.23 12.59 1.76
CA ASN A 276 33.92 13.16 3.07
C ASN A 276 34.84 14.32 3.41
N GLU A 277 36.04 14.33 2.85
CA GLU A 277 37.00 15.42 3.03
C GLU A 277 37.29 16.11 1.70
N HIS A 278 36.24 16.33 0.91
CA HIS A 278 36.35 17.00 -0.37
C HIS A 278 36.12 18.50 -0.28
N LYS A 279 35.94 19.05 0.93
CA LYS A 279 35.63 20.46 1.09
C LYS A 279 36.79 21.36 0.69
N GLU A 280 38.01 20.82 0.61
CA GLU A 280 39.19 21.61 0.29
C GLU A 280 39.34 21.88 -1.20
N LEU A 281 38.63 21.15 -2.06
CA LEU A 281 38.87 21.22 -3.49
C LEU A 281 37.94 22.21 -4.19
N ILE A 282 36.63 22.00 -4.08
CA ILE A 282 35.68 22.85 -4.80
C ILE A 282 34.73 23.56 -3.83
N GLY A 283 34.18 22.82 -2.86
CA GLY A 283 33.27 23.42 -1.91
C GLY A 283 32.37 22.39 -1.26
N LEU A 284 31.49 22.89 -0.40
CA LEU A 284 30.60 22.01 0.35
C LEU A 284 29.50 21.42 -0.52
N THR A 285 28.83 22.26 -1.32
CA THR A 285 27.60 21.87 -2.00
C THR A 285 27.94 20.89 -3.11
N ARG A 286 27.86 19.60 -2.82
CA ARG A 286 28.12 18.56 -3.81
C ARG A 286 27.56 17.24 -3.29
N VAL A 287 27.33 16.29 -4.20
CA VAL A 287 26.81 14.98 -3.85
C VAL A 287 27.66 13.90 -4.52
N PHE A 288 27.91 12.81 -3.80
CA PHE A 288 28.72 11.71 -4.28
C PHE A 288 27.92 10.42 -4.27
N ASP A 289 27.84 9.77 -5.44
CA ASP A 289 27.23 8.45 -5.54
C ASP A 289 27.99 7.55 -6.51
N GLY A 290 29.31 7.74 -6.63
CA GLY A 290 30.09 6.92 -7.53
C GLY A 290 30.63 7.69 -8.72
N SER A 291 30.48 7.13 -9.91
CA SER A 291 30.93 7.77 -11.14
C SER A 291 30.00 8.90 -11.59
N THR A 292 29.09 9.33 -10.73
CA THR A 292 28.18 10.44 -11.04
C THR A 292 28.32 11.49 -9.95
N LEU A 293 28.81 12.69 -10.33
CA LEU A 293 28.84 13.86 -9.45
C LEU A 293 28.20 15.00 -10.24
N TYR A 294 26.89 15.13 -10.08
CA TYR A 294 26.09 15.95 -10.98
C TYR A 294 26.42 17.44 -10.84
N VAL A 295 26.26 18.16 -11.95
CA VAL A 295 26.47 19.60 -11.99
C VAL A 295 25.27 20.25 -12.70
N PRO A 296 24.91 21.48 -12.36
CA PRO A 296 23.79 22.14 -13.06
C PRO A 296 24.04 22.37 -14.55
N LYS A 297 25.28 22.60 -14.95
CA LYS A 297 25.59 23.00 -16.31
C LYS A 297 25.76 21.78 -17.23
N ARG A 298 26.01 22.05 -18.51
CA ARG A 298 26.07 21.04 -19.55
C ARG A 298 27.48 21.03 -20.15
N ILE A 299 28.38 20.26 -19.55
CA ILE A 299 29.77 20.22 -19.98
C ILE A 299 30.23 18.79 -20.20
N CYS A 300 29.97 17.93 -19.21
CA CYS A 300 30.62 16.62 -19.12
C CYS A 300 30.28 15.73 -20.31
N GLU A 301 31.30 15.13 -20.93
CA GLU A 301 31.06 14.21 -22.04
C GLU A 301 31.51 12.77 -21.77
N GLN A 302 32.80 12.51 -21.55
CA GLN A 302 33.25 11.12 -21.44
C GLN A 302 33.93 10.78 -20.12
N ARG A 303 35.09 11.36 -19.80
CA ARG A 303 35.87 10.91 -18.65
C ARG A 303 37.14 11.75 -18.52
N LEU A 304 37.71 11.74 -17.32
CA LEU A 304 39.02 12.30 -17.00
C LEU A 304 39.44 11.75 -15.64
N ASP A 305 40.47 12.34 -15.05
CA ASP A 305 40.88 11.96 -13.70
C ASP A 305 41.73 13.06 -13.08
N LEU A 306 41.79 13.04 -11.74
CA LEU A 306 42.67 13.91 -10.97
C LEU A 306 42.89 13.25 -9.60
N MET A 307 43.41 14.02 -8.64
CA MET A 307 43.85 13.48 -7.36
C MET A 307 43.09 14.11 -6.21
N SER A 308 43.04 13.39 -5.09
CA SER A 308 42.42 13.89 -3.86
C SER A 308 43.12 13.21 -2.67
N THR A 309 42.53 13.35 -1.48
CA THR A 309 43.14 12.85 -0.25
C THR A 309 42.04 12.37 0.70
N ARG A 310 42.39 11.40 1.55
CA ARG A 310 41.50 10.87 2.57
C ARG A 310 41.93 11.37 3.95
N GLN A 311 41.24 10.88 4.99
CA GLN A 311 41.43 11.38 6.34
C GLN A 311 41.94 10.34 7.32
N THR A 312 41.30 9.17 7.39
CA THR A 312 41.57 8.23 8.48
C THR A 312 43.01 7.71 8.43
N ASP A 313 43.51 7.37 7.25
CA ASP A 313 44.85 6.83 7.11
C ASP A 313 45.75 7.64 6.19
N GLY A 314 45.20 8.34 5.21
CA GLY A 314 46.00 9.19 4.35
C GLY A 314 46.75 8.45 3.27
N ALA A 315 46.04 7.76 2.39
CA ALA A 315 46.61 7.05 1.27
C ALA A 315 46.22 7.75 -0.04
N SER A 316 46.69 7.22 -1.16
CA SER A 316 46.38 7.79 -2.45
C SER A 316 44.88 7.68 -2.74
N ILE A 317 44.29 8.76 -3.21
CA ILE A 317 42.87 8.85 -3.45
C ILE A 317 42.63 9.27 -4.89
N LYS A 318 41.76 8.56 -5.58
CA LYS A 318 41.40 8.86 -6.97
C LYS A 318 40.05 9.56 -7.01
N VAL A 319 40.02 10.75 -7.59
CA VAL A 319 38.80 11.53 -7.76
C VAL A 319 38.82 12.14 -9.15
N THR A 320 37.68 12.06 -9.85
CA THR A 320 37.56 12.57 -11.22
C THR A 320 36.29 13.44 -11.35
N ILE A 321 36.43 14.71 -11.00
CA ILE A 321 35.31 15.66 -11.14
C ILE A 321 35.45 16.28 -12.53
N SER A 322 34.94 15.55 -13.52
CA SER A 322 35.12 15.93 -14.92
C SER A 322 34.10 15.18 -15.77
N LEU A 323 34.33 15.19 -17.09
CA LEU A 323 33.41 14.62 -18.07
C LEU A 323 32.94 13.22 -17.65
N VAL A 324 31.62 12.99 -17.75
CA VAL A 324 31.09 11.64 -17.56
C VAL A 324 30.19 11.22 -18.71
N ASP A 325 29.09 11.94 -18.90
CA ASP A 325 28.01 11.49 -19.79
C ASP A 325 27.01 12.62 -19.95
N SER A 326 25.92 12.32 -20.65
CA SER A 326 24.85 13.28 -20.94
C SER A 326 23.67 13.06 -19.99
N VAL A 327 22.57 13.77 -20.24
CA VAL A 327 21.39 13.68 -19.40
C VAL A 327 20.57 12.47 -19.81
N LYS A 328 20.19 11.64 -18.85
CA LYS A 328 19.35 10.48 -19.06
C LYS A 328 18.07 10.61 -18.24
N ASN A 329 17.05 9.85 -18.65
CA ASN A 329 15.75 9.94 -18.01
C ASN A 329 15.74 9.42 -16.57
N ARG A 330 16.67 8.54 -16.23
CA ARG A 330 16.75 7.97 -14.90
C ARG A 330 17.71 8.71 -13.98
N ASP A 331 18.27 9.83 -14.45
CA ASP A 331 19.25 10.59 -13.69
C ASP A 331 18.62 11.76 -12.95
N VAL A 332 17.69 12.48 -13.59
CA VAL A 332 17.17 13.72 -13.02
C VAL A 332 16.50 13.47 -11.67
N VAL A 333 15.71 12.41 -11.57
CA VAL A 333 15.05 12.08 -10.30
C VAL A 333 16.11 11.85 -9.22
N GLN A 334 17.12 11.05 -9.54
CA GLN A 334 18.15 10.70 -8.56
C GLN A 334 18.96 11.94 -8.14
N LEU A 335 19.34 12.79 -9.09
CA LEU A 335 20.19 13.91 -8.69
C LEU A 335 19.40 14.95 -7.91
N MET A 336 18.12 15.17 -8.25
CA MET A 336 17.33 16.07 -7.43
C MET A 336 17.03 15.48 -6.06
N ASN A 337 16.97 14.16 -5.95
CA ASN A 337 16.77 13.59 -4.62
C ASN A 337 18.03 13.62 -3.77
N VAL A 338 19.22 13.50 -4.37
CA VAL A 338 20.42 13.75 -3.55
C VAL A 338 20.59 15.25 -3.30
N ILE A 339 20.01 16.11 -4.13
CA ILE A 339 19.89 17.52 -3.78
C ILE A 339 19.04 17.66 -2.53
N PHE A 340 17.93 16.90 -2.45
CA PHE A 340 17.14 16.89 -1.22
C PHE A 340 17.91 16.30 -0.05
N LYS A 341 18.83 15.37 -0.32
CA LYS A 341 19.75 14.91 0.72
C LYS A 341 20.62 16.05 1.24
N ARG A 342 21.14 16.88 0.33
CA ARG A 342 21.86 18.06 0.77
C ARG A 342 20.94 19.02 1.52
N ILE A 343 19.66 19.05 1.16
CA ILE A 343 18.69 19.84 1.89
C ILE A 343 18.56 19.33 3.33
N LEU A 344 18.46 18.02 3.51
CA LEU A 344 18.41 17.47 4.85
C LEU A 344 19.68 17.77 5.62
N ARG A 345 20.82 17.81 4.92
CA ARG A 345 22.05 18.29 5.52
C ARG A 345 22.01 19.78 5.80
N SER A 346 21.07 20.52 5.21
CA SER A 346 20.90 21.95 5.42
C SER A 346 19.64 22.30 6.20
N LEU A 347 18.48 21.82 5.74
CA LEU A 347 17.21 22.04 6.42
C LEU A 347 17.04 21.14 7.63
N LYS A 348 18.03 20.30 7.92
CA LYS A 348 18.02 19.42 9.09
C LYS A 348 16.89 18.40 9.03
N LEU A 349 16.59 17.93 7.81
CA LEU A 349 15.68 16.80 7.66
C LEU A 349 16.40 15.50 7.95
N GLN A 350 15.62 14.42 8.07
CA GLN A 350 16.14 13.07 8.23
C GLN A 350 15.61 12.20 7.08
N ARG A 351 15.90 10.90 7.16
CA ARG A 351 15.42 9.96 6.14
C ARG A 351 15.07 8.64 6.80
N ILE A 352 13.98 8.04 6.34
CA ILE A 352 13.53 6.72 6.80
C ILE A 352 13.18 5.90 5.57
N GLY A 353 14.07 5.00 5.18
CA GLY A 353 13.78 4.02 4.15
C GLY A 353 13.77 4.53 2.72
N ARG A 354 12.76 5.31 2.35
CA ARG A 354 12.57 5.69 0.94
C ARG A 354 12.46 7.20 0.77
N ASP A 355 11.95 7.89 1.79
CA ASP A 355 11.60 9.29 1.68
C ASP A 355 12.19 10.08 2.84
N TYR A 356 12.41 11.37 2.60
CA TYR A 356 13.08 12.24 3.55
C TYR A 356 12.06 12.96 4.42
N TYR A 357 12.34 13.06 5.71
CA TYR A 357 11.40 13.64 6.67
C TYR A 357 12.08 14.71 7.51
N ASP A 358 11.30 15.72 7.90
CA ASP A 358 11.76 16.77 8.80
C ASP A 358 11.25 16.42 10.20
N ALA A 359 12.17 16.24 11.14
CA ALA A 359 11.81 15.83 12.50
C ALA A 359 12.62 16.58 13.54
N ASN A 360 13.02 17.81 13.24
CA ASN A 360 13.72 18.61 14.24
C ASN A 360 12.80 18.98 15.39
N SER A 361 11.53 19.26 15.09
CA SER A 361 10.51 19.53 16.10
C SER A 361 9.31 18.64 15.81
N PRO A 362 9.44 17.34 16.07
CA PRO A 362 8.41 16.38 15.68
C PRO A 362 7.26 16.34 16.70
N LEU A 363 6.27 15.50 16.39
CA LEU A 363 5.10 15.33 17.24
C LEU A 363 5.42 14.25 18.27
N GLU A 364 6.03 14.67 19.38
CA GLU A 364 6.37 13.75 20.46
C GLU A 364 5.09 13.30 21.15
N VAL A 365 4.68 12.06 20.90
CA VAL A 365 3.47 11.49 21.48
C VAL A 365 3.81 10.18 22.18
N PRO A 366 4.36 10.23 23.39
CA PRO A 366 4.97 9.04 24.00
C PRO A 366 3.99 8.07 24.63
N GLN A 367 2.71 8.16 24.26
CA GLN A 367 1.70 7.29 24.89
C GLN A 367 2.02 5.82 24.72
N HIS A 368 2.60 5.44 23.57
CA HIS A 368 2.97 4.05 23.31
C HIS A 368 4.39 3.97 22.74
N LYS A 369 5.28 4.84 23.23
CA LYS A 369 6.68 4.86 22.78
C LYS A 369 6.78 5.07 21.27
N MET A 370 5.85 5.81 20.70
CA MET A 370 5.72 5.98 19.26
C MET A 370 5.75 7.47 18.94
N GLN A 371 6.58 7.87 17.98
CA GLN A 371 6.73 9.27 17.61
C GLN A 371 6.33 9.44 16.15
N LEU A 372 5.24 10.15 15.92
CA LEU A 372 4.74 10.38 14.56
C LEU A 372 5.51 11.55 13.95
N TRP A 373 6.35 11.26 12.97
CA TRP A 373 7.18 12.29 12.37
C TRP A 373 6.34 13.18 11.44
N PRO A 374 6.40 14.50 11.59
CA PRO A 374 5.62 15.39 10.73
C PRO A 374 6.21 15.62 9.36
N GLY A 375 7.18 14.82 8.94
CA GLY A 375 7.78 14.99 7.63
C GLY A 375 6.84 14.62 6.51
N TYR A 376 7.31 14.85 5.29
CA TYR A 376 6.51 14.68 4.09
C TYR A 376 7.13 13.64 3.18
N VAL A 377 6.28 12.93 2.44
CA VAL A 377 6.75 11.91 1.51
C VAL A 377 7.23 12.66 0.27
N THR A 378 8.52 12.99 0.24
CA THR A 378 9.06 13.83 -0.82
C THR A 378 9.60 12.96 -1.95
N ALA A 379 8.67 12.26 -2.61
CA ALA A 379 9.00 11.39 -3.73
C ALA A 379 9.00 12.21 -5.03
N ILE A 380 10.01 13.07 -5.15
CA ILE A 380 10.13 13.90 -6.35
C ILE A 380 10.42 13.01 -7.55
N ASN A 381 9.71 13.25 -8.64
CA ASN A 381 9.88 12.47 -9.86
C ASN A 381 9.28 13.27 -11.01
N ARG A 382 9.58 12.82 -12.24
CA ARG A 382 8.94 13.41 -13.41
C ARG A 382 7.43 13.25 -13.30
N HIS A 383 6.72 14.33 -13.60
CA HIS A 383 5.31 14.43 -13.22
C HIS A 383 4.59 15.26 -14.28
N GLU A 384 3.40 15.75 -13.91
CA GLU A 384 2.55 16.49 -14.84
C GLU A 384 3.32 17.66 -15.47
N GLY A 385 3.54 17.56 -16.77
CA GLY A 385 4.23 18.61 -17.50
C GLY A 385 5.73 18.54 -17.38
N GLY A 386 6.27 18.94 -16.22
CA GLY A 386 7.70 18.89 -16.00
C GLY A 386 8.09 18.06 -14.80
N LEU A 387 8.53 18.73 -13.73
CA LEU A 387 8.88 18.08 -12.48
C LEU A 387 8.02 18.65 -11.35
N MET A 388 7.65 17.78 -10.41
CA MET A 388 6.75 18.15 -9.34
C MET A 388 7.13 17.42 -8.07
N LEU A 389 7.12 18.12 -6.95
CA LEU A 389 7.43 17.54 -5.65
C LEU A 389 6.13 17.17 -4.94
N VAL A 390 5.94 15.88 -4.70
CA VAL A 390 4.78 15.40 -3.95
C VAL A 390 5.04 15.60 -2.47
N LEU A 391 4.06 16.13 -1.75
CA LEU A 391 4.18 16.32 -0.31
C LEU A 391 2.87 15.92 0.36
N ASP A 392 2.89 14.78 1.04
CA ASP A 392 1.83 14.39 1.94
C ASP A 392 2.40 14.35 3.35
N VAL A 393 1.67 14.91 4.31
CA VAL A 393 2.20 15.00 5.66
C VAL A 393 2.07 13.60 6.27
N SER A 394 3.12 12.81 6.09
CA SER A 394 3.10 11.42 6.49
C SER A 394 3.59 11.32 7.93
N HIS A 395 2.69 10.94 8.84
CA HIS A 395 3.06 10.76 10.23
C HIS A 395 3.82 9.45 10.35
N ARG A 396 5.05 9.45 9.83
CA ARG A 396 5.89 8.27 9.78
C ARG A 396 6.20 7.75 11.19
N VAL A 397 5.80 6.51 11.45
CA VAL A 397 5.77 5.98 12.82
C VAL A 397 7.11 5.30 13.07
N MET A 398 8.11 6.12 13.39
CA MET A 398 9.37 5.68 13.97
C MET A 398 9.40 5.87 15.48
N LYS A 399 9.88 4.83 16.16
CA LYS A 399 9.80 4.71 17.60
C LYS A 399 11.03 5.36 18.24
N THR A 400 10.80 6.19 19.27
CA THR A 400 11.93 6.74 20.00
C THR A 400 12.72 5.65 20.71
N ASP A 401 12.03 4.62 21.20
CA ASP A 401 12.70 3.50 21.83
C ASP A 401 13.34 2.60 20.77
N THR A 402 14.31 1.81 21.20
CA THR A 402 15.11 0.97 20.33
C THR A 402 14.98 -0.50 20.74
N ALA A 403 15.63 -1.38 19.96
CA ALA A 403 15.60 -2.80 20.28
C ALA A 403 16.29 -3.09 21.61
N LEU A 404 17.18 -2.21 22.05
CA LEU A 404 17.83 -2.37 23.36
C LEU A 404 16.78 -2.43 24.47
N ASP A 405 15.95 -1.39 24.58
CA ASP A 405 14.95 -1.37 25.63
C ASP A 405 13.83 -2.37 25.38
N PHE A 406 13.54 -2.70 24.11
CA PHE A 406 12.53 -3.70 23.84
C PHE A 406 12.97 -5.08 24.35
N LEU A 407 14.20 -5.47 24.04
CA LEU A 407 14.71 -6.73 24.58
C LEU A 407 14.88 -6.65 26.09
N TYR A 408 15.19 -5.47 26.63
CA TYR A 408 15.32 -5.36 28.08
C TYR A 408 13.98 -5.53 28.78
N GLU A 409 12.88 -5.00 28.22
CA GLU A 409 11.58 -5.23 28.84
C GLU A 409 11.09 -6.66 28.60
N LEU A 410 11.48 -7.27 27.47
CA LEU A 410 11.21 -8.68 27.28
C LEU A 410 11.92 -9.53 28.34
N TYR A 411 13.15 -9.17 28.67
CA TYR A 411 13.84 -9.79 29.80
C TYR A 411 13.14 -9.48 31.11
N HIS A 412 12.61 -8.26 31.25
CA HIS A 412 11.89 -7.87 32.45
C HIS A 412 10.67 -8.74 32.67
N PHE A 413 10.04 -9.21 31.59
CA PHE A 413 8.95 -10.17 31.75
C PHE A 413 9.45 -11.45 32.42
N ASN A 414 10.49 -12.06 31.87
CA ASN A 414 11.13 -13.25 32.42
C ASN A 414 12.39 -13.51 31.60
N GLN A 415 13.05 -14.65 31.85
CA GLN A 415 14.22 -15.05 31.09
C GLN A 415 13.93 -16.25 30.19
N ASP A 416 13.48 -17.37 30.78
CA ASP A 416 13.07 -18.51 29.96
C ASP A 416 11.82 -18.18 29.16
N LYS A 417 10.86 -17.49 29.77
CA LYS A 417 9.70 -17.02 29.03
C LYS A 417 10.10 -15.99 27.98
N PHE A 418 11.12 -15.17 28.27
CA PHE A 418 11.66 -14.29 27.24
C PHE A 418 12.16 -15.09 26.05
N ARG A 419 12.92 -16.15 26.31
CA ARG A 419 13.46 -16.97 25.24
C ARG A 419 12.33 -17.58 24.42
N GLU A 420 11.33 -18.15 25.10
CA GLU A 420 10.22 -18.78 24.41
C GLU A 420 9.43 -17.78 23.57
N GLU A 421 9.03 -16.66 24.17
CA GLU A 421 8.23 -15.67 23.45
C GLU A 421 9.02 -15.03 22.31
N ALA A 422 10.33 -14.85 22.48
CA ALA A 422 11.16 -14.39 21.36
C ALA A 422 11.16 -15.42 20.24
N PHE A 423 11.22 -16.71 20.59
CA PHE A 423 11.06 -17.76 19.59
C PHE A 423 9.66 -17.82 19.02
N LYS A 424 8.68 -17.16 19.64
CA LYS A 424 7.32 -17.09 19.12
C LYS A 424 6.96 -15.72 18.54
N GLN A 425 7.23 -14.64 19.29
CA GLN A 425 6.75 -13.32 18.89
C GLN A 425 7.83 -12.44 18.25
N LEU A 426 9.11 -12.76 18.42
CA LEU A 426 10.16 -11.96 17.81
C LEU A 426 10.68 -12.53 16.51
N VAL A 427 10.65 -13.86 16.34
CA VAL A 427 11.01 -14.45 15.06
C VAL A 427 9.94 -14.11 14.02
N GLY A 428 10.38 -13.93 12.78
CA GLY A 428 9.48 -13.49 11.73
C GLY A 428 9.30 -11.99 11.74
N SER A 429 9.37 -11.38 12.92
CA SER A 429 9.29 -9.94 13.05
C SER A 429 10.54 -9.29 12.49
N VAL A 430 10.45 -7.97 12.28
CA VAL A 430 11.47 -7.22 11.57
C VAL A 430 11.84 -5.97 12.38
N VAL A 431 13.14 -5.69 12.46
CA VAL A 431 13.63 -4.48 13.11
C VAL A 431 14.01 -3.47 12.03
N LEU A 432 13.96 -2.19 12.40
CA LEU A 432 14.36 -1.10 11.51
C LEU A 432 15.76 -0.64 11.91
N THR A 433 16.68 -0.68 10.96
CA THR A 433 18.07 -0.34 11.23
C THR A 433 18.25 1.17 11.22
N ARG A 434 19.27 1.63 11.94
CA ARG A 434 19.54 3.07 12.08
C ARG A 434 20.79 3.53 11.36
N TYR A 435 21.88 2.75 11.38
CA TYR A 435 23.13 3.24 10.78
C TYR A 435 23.01 3.35 9.27
N ASN A 436 22.34 2.40 8.61
CA ASN A 436 22.11 2.47 7.18
C ASN A 436 20.63 2.42 6.81
N ASN A 437 19.74 2.57 7.79
CA ASN A 437 18.29 2.60 7.55
C ASN A 437 17.82 1.37 6.78
N ARG A 438 18.36 0.21 7.16
CA ARG A 438 18.02 -1.03 6.49
C ARG A 438 16.86 -1.73 7.21
N THR A 439 16.37 -2.78 6.58
CA THR A 439 15.22 -3.54 7.05
C THR A 439 15.64 -5.00 7.20
N TYR A 440 15.87 -5.44 8.44
CA TYR A 440 16.43 -6.75 8.72
C TYR A 440 15.40 -7.59 9.47
N GLU A 441 15.19 -8.82 9.00
CA GLU A 441 14.26 -9.74 9.61
C GLU A 441 14.91 -10.50 10.76
N ILE A 442 14.08 -11.23 11.51
CA ILE A 442 14.53 -12.06 12.62
C ILE A 442 14.03 -13.47 12.41
N ASP A 443 14.93 -14.45 12.53
CA ASP A 443 14.56 -15.86 12.38
C ASP A 443 14.99 -16.66 13.61
N ASP A 444 16.11 -16.28 14.20
CA ASP A 444 16.61 -16.95 15.40
C ASP A 444 17.48 -15.95 16.15
N ILE A 445 17.63 -16.18 17.45
CA ILE A 445 18.37 -15.29 18.33
C ILE A 445 19.57 -16.04 18.89
N ALA A 446 20.77 -15.49 18.66
CA ALA A 446 21.97 -16.09 19.23
C ALA A 446 21.98 -15.91 20.74
N TRP A 447 22.55 -16.90 21.42
CA TRP A 447 22.55 -16.96 22.88
C TRP A 447 23.92 -16.76 23.49
N ASP A 448 24.93 -17.48 23.01
CA ASP A 448 26.28 -17.31 23.53
C ASP A 448 26.92 -16.03 23.03
N LYS A 449 26.50 -15.54 21.86
CA LYS A 449 27.09 -14.34 21.29
C LYS A 449 26.71 -13.11 22.12
N ASN A 450 27.57 -12.10 22.08
CA ASN A 450 27.41 -10.88 22.85
C ASN A 450 28.19 -9.78 22.15
N PRO A 451 27.97 -8.50 22.51
CA PRO A 451 28.74 -7.44 21.86
C PRO A 451 30.17 -7.34 22.36
N ARG A 452 30.82 -8.50 22.49
CA ARG A 452 32.27 -8.58 22.63
C ARG A 452 32.89 -9.73 21.84
N CYS A 453 32.12 -10.76 21.49
CA CYS A 453 32.66 -11.88 20.75
C CYS A 453 33.09 -11.46 19.35
N ALA A 454 34.20 -12.02 18.88
CA ALA A 454 34.78 -11.63 17.62
C ALA A 454 34.10 -12.34 16.46
N PHE A 455 34.45 -11.94 15.24
CA PHE A 455 33.92 -12.54 14.02
C PHE A 455 34.89 -12.26 12.89
N GLN A 456 34.72 -13.00 11.79
CA GLN A 456 35.53 -12.80 10.60
C GLN A 456 34.98 -11.59 9.86
N ASP A 457 35.55 -10.43 10.15
CA ASP A 457 35.09 -9.17 9.57
C ASP A 457 35.68 -9.01 8.17
N HIS A 458 35.51 -7.81 7.60
CA HIS A 458 36.06 -7.54 6.28
C HIS A 458 37.58 -7.50 6.28
N ALA A 459 38.21 -7.28 7.43
CA ALA A 459 39.66 -7.25 7.53
C ALA A 459 40.27 -8.62 7.75
N GLY A 460 39.45 -9.65 7.98
CA GLY A 460 39.97 -10.99 8.18
C GLY A 460 40.55 -11.27 9.55
N SER A 461 40.30 -10.42 10.53
CA SER A 461 40.81 -10.59 11.88
C SER A 461 39.65 -10.82 12.85
N GLN A 462 40.00 -11.21 14.07
CA GLN A 462 39.01 -11.45 15.12
C GLN A 462 38.96 -10.24 16.04
N ILE A 463 38.29 -9.18 15.55
CA ILE A 463 38.18 -7.94 16.29
C ILE A 463 36.92 -7.97 17.14
N THR A 464 36.90 -7.11 18.17
CA THR A 464 35.77 -7.05 19.07
C THR A 464 34.55 -6.43 18.39
N PHE A 465 33.37 -6.69 18.97
CA PHE A 465 32.13 -6.21 18.38
C PHE A 465 32.00 -4.69 18.50
N VAL A 466 32.30 -4.14 19.68
CA VAL A 466 32.13 -2.71 19.89
C VAL A 466 33.09 -1.92 18.99
N ASP A 467 34.29 -2.44 18.79
CA ASP A 467 35.28 -1.74 17.97
C ASP A 467 34.80 -1.61 16.53
N TYR A 468 34.16 -2.65 15.99
CA TYR A 468 33.70 -2.61 14.61
C TYR A 468 32.71 -1.47 14.39
N TYR A 469 31.71 -1.37 15.27
CA TYR A 469 30.72 -0.32 15.13
C TYR A 469 31.25 1.05 15.52
N LYS A 470 32.26 1.11 16.38
CA LYS A 470 32.84 2.40 16.75
C LYS A 470 33.73 2.96 15.66
N ARG A 471 34.41 2.10 14.89
CA ARG A 471 35.34 2.56 13.87
C ARG A 471 34.77 2.51 12.46
N ALA A 472 33.65 1.81 12.24
CA ALA A 472 33.08 1.69 10.90
C ALA A 472 31.92 2.64 10.65
N TYR A 473 31.16 3.00 11.69
CA TYR A 473 30.01 3.87 11.54
C TYR A 473 30.01 5.03 12.54
N ASP A 474 31.08 5.16 13.33
CA ASP A 474 31.19 6.22 14.34
C ASP A 474 30.05 6.17 15.35
N LEU A 475 29.58 4.98 15.66
CA LEU A 475 28.50 4.78 16.64
C LEU A 475 29.07 3.95 17.79
N ASP A 476 28.90 4.45 19.01
CA ASP A 476 29.42 3.80 20.20
C ASP A 476 28.36 2.90 20.82
N ILE A 477 28.76 1.68 21.18
CA ILE A 477 27.87 0.72 21.81
C ILE A 477 27.99 0.88 23.32
N THR A 478 26.85 1.02 24.00
CA THR A 478 26.86 1.30 25.43
C THR A 478 27.10 0.03 26.25
N ASP A 479 26.20 -0.93 26.14
CA ASP A 479 26.25 -2.13 26.96
C ASP A 479 26.88 -3.30 26.21
N LEU A 480 27.25 -4.33 26.97
CA LEU A 480 27.95 -5.49 26.44
C LEU A 480 27.14 -6.78 26.61
N GLU A 481 25.87 -6.67 27.00
CA GLU A 481 25.06 -7.86 27.27
C GLU A 481 23.84 -7.92 26.36
N GLN A 482 24.04 -7.68 25.06
CA GLN A 482 22.95 -7.69 24.09
C GLN A 482 23.06 -8.90 23.16
N PRO A 483 22.22 -9.91 23.31
CA PRO A 483 22.30 -11.07 22.41
C PRO A 483 21.98 -10.68 20.96
N LEU A 484 22.67 -11.33 20.04
CA LEU A 484 22.52 -11.03 18.62
C LEU A 484 21.26 -11.66 18.05
N LEU A 485 20.85 -11.17 16.89
CA LEU A 485 19.77 -11.73 16.10
C LEU A 485 20.27 -12.02 14.69
N ILE A 486 19.54 -12.87 13.97
CA ILE A 486 19.95 -13.33 12.65
C ILE A 486 18.89 -12.96 11.63
N HIS A 487 19.34 -12.77 10.39
CA HIS A 487 18.44 -12.44 9.29
C HIS A 487 18.70 -13.36 8.10
N GLU A 505 25.76 -21.19 13.61
CA GLU A 505 24.76 -20.46 12.84
C GLU A 505 25.39 -19.40 11.95
N GLU A 506 24.90 -19.28 10.72
CA GLU A 506 25.33 -18.21 9.83
C GLU A 506 24.94 -16.86 10.41
N MET A 507 25.81 -15.87 10.23
CA MET A 507 25.69 -14.59 10.93
C MET A 507 25.41 -13.48 9.93
N VAL A 508 24.28 -12.79 10.11
CA VAL A 508 23.93 -11.60 9.34
C VAL A 508 23.85 -10.43 10.33
N CYS A 509 24.65 -9.40 10.08
CA CYS A 509 24.87 -8.30 11.02
C CYS A 509 23.57 -7.76 11.61
N LEU A 510 23.39 -7.92 12.92
CA LEU A 510 22.20 -7.46 13.61
C LEU A 510 22.49 -7.40 15.10
N VAL A 511 22.49 -6.19 15.67
CA VAL A 511 22.70 -6.01 17.10
C VAL A 511 21.54 -5.19 17.66
N PRO A 512 20.89 -5.64 18.74
CA PRO A 512 19.73 -4.91 19.27
C PRO A 512 20.07 -3.57 19.91
N GLU A 513 21.36 -3.23 20.03
CA GLU A 513 21.73 -1.95 20.61
C GLU A 513 21.27 -0.79 19.73
N LEU A 514 21.39 -0.93 18.42
CA LEU A 514 21.23 0.18 17.49
C LEU A 514 20.22 -0.17 16.39
N CYS A 515 19.08 -0.71 16.77
CA CYS A 515 17.96 -0.90 15.87
C CYS A 515 16.67 -0.76 16.66
N ALA A 516 15.55 -0.66 15.95
CA ALA A 516 14.25 -0.49 16.60
C ALA A 516 13.17 -1.15 15.76
N MET A 517 12.17 -1.72 16.43
CA MET A 517 11.03 -2.34 15.79
C MET A 517 9.74 -1.90 16.46
N THR A 518 8.62 -2.23 15.84
CA THR A 518 7.30 -1.90 16.39
C THR A 518 6.98 -2.77 17.59
N MET A 531 -3.57 10.53 19.28
CA MET A 531 -3.84 9.76 18.08
C MET A 531 -5.34 9.79 17.76
N LYS A 532 -6.14 9.25 18.68
CA LYS A 532 -7.59 9.20 18.47
C LYS A 532 -8.18 10.61 18.36
N ASP A 533 -7.76 11.51 19.25
CA ASP A 533 -8.17 12.90 19.19
C ASP A 533 -7.26 13.73 18.30
N LEU A 534 -6.04 13.27 18.04
CA LEU A 534 -5.13 13.96 17.13
C LEU A 534 -5.49 13.73 15.67
N ALA A 535 -6.28 12.69 15.38
CA ALA A 535 -6.58 12.30 14.01
C ALA A 535 -7.42 13.31 13.25
N VAL A 536 -8.00 14.29 13.93
CA VAL A 536 -8.85 15.28 13.28
C VAL A 536 -8.27 16.68 13.34
N HIS A 537 -7.02 16.85 13.75
CA HIS A 537 -6.42 18.17 13.89
C HIS A 537 -5.29 18.40 12.89
N THR A 538 -4.25 17.56 12.89
CA THR A 538 -3.09 17.84 12.06
C THR A 538 -2.47 16.57 11.47
N ARG A 539 -3.29 15.61 11.03
CA ARG A 539 -2.74 14.43 10.38
C ARG A 539 -3.27 14.23 8.96
N VAL A 540 -4.57 14.35 8.73
CA VAL A 540 -5.12 14.20 7.39
C VAL A 540 -6.47 14.91 7.26
N PRO A 541 -6.52 16.24 7.39
CA PRO A 541 -7.73 16.95 6.99
C PRO A 541 -7.77 17.13 5.49
N PRO A 542 -8.96 17.25 4.89
CA PRO A 542 -9.04 17.38 3.42
C PRO A 542 -8.55 18.72 2.91
N GLU A 543 -8.98 19.80 3.56
CA GLU A 543 -8.61 21.16 3.16
C GLU A 543 -7.53 21.77 4.06
N LYS A 544 -7.60 21.51 5.37
CA LYS A 544 -6.64 22.09 6.29
C LYS A 544 -5.23 21.53 6.12
N ARG A 545 -5.06 20.46 5.37
CA ARG A 545 -3.73 19.95 5.05
C ARG A 545 -3.01 20.82 4.04
N ALA A 546 -3.71 21.76 3.40
CA ALA A 546 -3.06 22.71 2.50
C ALA A 546 -2.19 23.70 3.25
N GLU A 547 -2.35 23.82 4.58
CA GLU A 547 -1.48 24.70 5.36
C GLU A 547 -0.04 24.21 5.31
N SER A 548 0.17 22.90 5.46
CA SER A 548 1.51 22.34 5.24
C SER A 548 1.95 22.53 3.80
N PHE A 549 1.03 22.36 2.85
CA PHE A 549 1.29 22.72 1.46
C PHE A 549 1.55 24.21 1.31
N ARG A 550 1.05 25.04 2.24
CA ARG A 550 1.31 26.46 2.23
C ARG A 550 2.47 26.88 3.13
N LYS A 551 2.96 25.98 3.99
CA LYS A 551 4.03 26.29 4.92
C LYS A 551 5.41 25.85 4.41
N PHE A 552 5.55 24.58 4.03
CA PHE A 552 6.85 24.07 3.60
C PHE A 552 7.33 24.80 2.34
N ILE A 553 6.40 25.26 1.50
CA ILE A 553 6.77 26.02 0.32
C ILE A 553 7.44 27.33 0.72
N GLN A 554 6.93 27.97 1.77
CA GLN A 554 7.54 29.21 2.26
C GLN A 554 8.82 28.93 3.02
N ARG A 555 8.87 27.82 3.75
CA ARG A 555 10.05 27.50 4.55
C ARG A 555 11.28 27.32 3.66
N LEU A 556 11.10 26.69 2.51
CA LEU A 556 12.22 26.48 1.60
C LEU A 556 12.76 27.81 1.08
N ASN A 557 11.88 28.76 0.81
CA ASN A 557 12.30 30.04 0.23
C ASN A 557 12.78 31.01 1.29
N THR A 558 12.02 31.19 2.36
CA THR A 558 12.32 32.24 3.34
C THR A 558 13.51 31.90 4.23
N THR A 559 13.90 30.64 4.32
CA THR A 559 15.05 30.26 5.14
C THR A 559 16.33 30.61 4.42
N LYS A 560 17.01 31.67 4.88
CA LYS A 560 18.21 32.15 4.19
C LYS A 560 19.30 31.09 4.18
N GLU A 561 19.50 30.39 5.31
CA GLU A 561 20.51 29.34 5.36
C GLU A 561 20.17 28.20 4.42
N ALA A 562 18.88 27.80 4.38
CA ALA A 562 18.49 26.69 3.52
C ALA A 562 18.45 27.11 2.05
N SER A 563 17.91 28.30 1.76
CA SER A 563 17.77 28.72 0.37
C SER A 563 19.13 29.01 -0.27
N GLU A 564 20.11 29.45 0.51
CA GLU A 564 21.41 29.80 -0.05
C GLU A 564 22.08 28.59 -0.70
N LEU A 565 22.01 27.42 -0.05
CA LEU A 565 22.61 26.22 -0.60
C LEU A 565 21.82 25.63 -1.75
N LEU A 566 20.58 26.07 -1.96
CA LEU A 566 19.78 25.63 -3.09
C LEU A 566 19.89 26.55 -4.30
N HIS A 567 20.13 27.85 -4.07
CA HIS A 567 20.39 28.75 -5.19
C HIS A 567 21.71 28.42 -5.88
N SER A 568 22.68 27.88 -5.15
CA SER A 568 23.93 27.45 -5.77
C SER A 568 23.69 26.31 -6.76
N TRP A 569 22.83 25.37 -6.40
CA TRP A 569 22.50 24.26 -7.30
C TRP A 569 21.57 24.69 -8.43
N GLY A 570 20.66 25.61 -8.16
CA GLY A 570 19.72 26.06 -9.17
C GLY A 570 18.31 25.53 -8.96
N LEU A 571 17.96 25.27 -7.71
CA LEU A 571 16.65 24.74 -7.35
C LEU A 571 15.77 25.88 -6.85
N VAL A 572 14.82 26.31 -7.69
CA VAL A 572 13.85 27.33 -7.32
C VAL A 572 12.47 26.70 -7.35
N LEU A 573 11.76 26.77 -6.23
CA LEU A 573 10.44 26.17 -6.14
C LEU A 573 9.37 27.15 -6.62
N ASP A 574 8.22 26.61 -6.98
CA ASP A 574 7.11 27.43 -7.46
C ASP A 574 6.59 28.32 -6.34
N SER A 575 6.11 29.51 -6.72
CA SER A 575 5.53 30.42 -5.73
C SER A 575 4.25 29.87 -5.15
N ARG A 576 3.44 29.17 -5.95
CA ARG A 576 2.19 28.60 -5.46
C ARG A 576 2.10 27.12 -5.86
N ARG A 607 -26.67 4.77 -2.64
CA ARG A 607 -27.93 4.75 -3.38
C ARG A 607 -29.12 4.45 -2.47
N GLU A 608 -30.23 5.13 -2.73
CA GLU A 608 -31.48 4.86 -2.01
C GLU A 608 -32.32 3.81 -2.74
N CYS A 609 -31.70 2.68 -3.04
CA CYS A 609 -32.38 1.56 -3.67
C CYS A 609 -32.99 0.60 -2.66
N LEU A 610 -32.87 0.90 -1.37
CA LEU A 610 -33.48 0.08 -0.33
C LEU A 610 -35.00 0.19 -0.30
N LYS A 611 -35.57 1.13 -1.05
CA LYS A 611 -37.01 1.33 -1.08
C LYS A 611 -37.63 1.11 -2.45
N GLU A 612 -36.84 1.05 -3.52
CA GLU A 612 -37.34 0.86 -4.87
C GLU A 612 -37.19 -0.59 -5.28
N HIS A 613 -38.14 -1.07 -6.10
CA HIS A 613 -38.14 -2.47 -6.49
C HIS A 613 -36.93 -2.80 -7.36
N VAL A 614 -36.45 -4.03 -7.24
CA VAL A 614 -35.27 -4.50 -7.95
C VAL A 614 -35.70 -5.14 -9.27
N ILE A 615 -34.76 -5.19 -10.22
CA ILE A 615 -35.05 -5.64 -11.58
C ILE A 615 -35.63 -7.05 -11.56
N SER A 616 -34.86 -8.02 -11.06
CA SER A 616 -35.30 -9.40 -11.03
C SER A 616 -34.61 -10.09 -9.85
N ALA A 617 -35.31 -10.17 -8.72
CA ALA A 617 -34.77 -10.75 -7.50
C ALA A 617 -35.30 -12.17 -7.33
N VAL A 618 -34.39 -13.11 -7.13
CA VAL A 618 -34.75 -14.52 -6.99
C VAL A 618 -35.13 -14.80 -5.54
N SER A 619 -36.32 -15.35 -5.34
CA SER A 619 -36.80 -15.66 -4.01
C SER A 619 -36.17 -16.94 -3.49
N LEU A 620 -36.22 -17.11 -2.17
CA LEU A 620 -35.70 -18.30 -1.48
C LEU A 620 -36.88 -19.14 -1.02
N LEU A 621 -37.18 -20.20 -1.77
CA LEU A 621 -38.30 -21.06 -1.40
C LEU A 621 -37.91 -22.01 -0.26
N ASP A 622 -36.90 -22.85 -0.50
CA ASP A 622 -36.40 -23.77 0.51
C ASP A 622 -34.90 -23.58 0.65
N TRP A 623 -34.44 -23.42 1.90
CA TRP A 623 -33.03 -23.17 2.17
C TRP A 623 -32.75 -23.53 3.62
N ALA A 624 -31.46 -23.50 3.97
CA ALA A 624 -31.02 -23.87 5.31
C ALA A 624 -29.88 -22.97 5.74
N VAL A 625 -29.71 -22.84 7.05
CA VAL A 625 -28.61 -22.09 7.64
C VAL A 625 -27.77 -23.04 8.49
N LEU A 626 -26.46 -22.84 8.48
CA LEU A 626 -25.51 -23.74 9.14
C LEU A 626 -24.91 -23.08 10.38
N PHE A 627 -25.72 -22.35 11.13
CA PHE A 627 -25.28 -21.71 12.35
C PHE A 627 -24.90 -22.74 13.40
N VAL A 628 -23.91 -22.39 14.23
CA VAL A 628 -23.50 -23.23 15.35
C VAL A 628 -24.44 -22.97 16.52
N ARG A 629 -24.36 -23.81 17.56
CA ARG A 629 -25.26 -23.68 18.71
C ARG A 629 -25.12 -22.34 19.41
N LYS A 630 -23.98 -21.68 19.29
CA LYS A 630 -23.75 -20.40 19.97
C LYS A 630 -24.34 -19.22 19.22
N ASP A 631 -24.84 -19.42 18.01
CA ASP A 631 -25.40 -18.33 17.21
C ASP A 631 -26.88 -18.56 16.92
N GLN A 632 -27.65 -18.97 17.94
CA GLN A 632 -29.09 -19.14 17.75
C GLN A 632 -29.76 -17.83 17.40
N GLY A 633 -29.41 -16.76 18.12
CA GLY A 633 -29.97 -15.45 17.79
C GLY A 633 -29.49 -14.94 16.44
N LYS A 634 -28.21 -15.11 16.14
CA LYS A 634 -27.66 -14.69 14.87
C LYS A 634 -28.13 -15.62 13.76
N ALA A 635 -28.13 -15.11 12.52
CA ALA A 635 -28.50 -15.88 11.34
C ALA A 635 -29.95 -16.34 11.39
N THR A 636 -30.67 -15.96 12.45
CA THR A 636 -32.11 -16.15 12.54
C THR A 636 -32.84 -14.82 12.71
N ASP A 637 -32.39 -13.98 13.65
CA ASP A 637 -32.87 -12.61 13.69
C ASP A 637 -32.46 -11.86 12.43
N PHE A 638 -31.25 -12.11 11.94
CA PHE A 638 -30.82 -11.54 10.67
C PHE A 638 -31.73 -12.01 9.53
N VAL A 639 -32.05 -13.31 9.52
CA VAL A 639 -33.01 -13.81 8.55
C VAL A 639 -34.39 -13.21 8.79
N ASN A 640 -34.78 -13.08 10.06
CA ASN A 640 -36.03 -12.40 10.38
C ASN A 640 -36.00 -10.95 9.92
N MET A 641 -34.88 -10.27 10.13
CA MET A 641 -34.73 -8.93 9.56
C MET A 641 -34.67 -8.98 8.04
N LEU A 642 -34.04 -10.02 7.49
CA LEU A 642 -34.04 -10.19 6.05
C LEU A 642 -35.46 -10.37 5.51
N SER A 643 -36.35 -10.97 6.30
CA SER A 643 -37.74 -11.09 5.89
C SER A 643 -38.43 -9.74 5.81
N LYS A 644 -37.86 -8.69 6.41
CA LYS A 644 -38.40 -7.34 6.29
C LYS A 644 -37.68 -6.51 5.24
N VAL A 645 -36.38 -6.72 5.05
CA VAL A 645 -35.64 -5.98 4.03
C VAL A 645 -36.02 -6.46 2.64
N CYS A 646 -36.30 -7.75 2.48
CA CYS A 646 -36.56 -8.32 1.16
C CYS A 646 -37.78 -7.73 0.46
N PRO A 647 -38.95 -7.57 1.09
CA PRO A 647 -40.14 -7.11 0.35
C PRO A 647 -39.93 -5.75 -0.32
N PRO A 648 -39.27 -4.78 0.33
CA PRO A 648 -38.98 -3.53 -0.39
C PRO A 648 -38.11 -3.70 -1.61
N ILE A 649 -37.23 -4.71 -1.64
CA ILE A 649 -36.33 -4.89 -2.77
C ILE A 649 -36.88 -6.00 -3.67
N GLY A 650 -38.19 -6.19 -3.63
CA GLY A 650 -38.88 -7.03 -4.61
C GLY A 650 -38.56 -8.51 -4.55
N MET A 651 -38.49 -9.08 -3.36
CA MET A 651 -38.36 -10.53 -3.22
C MET A 651 -38.85 -10.93 -1.84
N GLU A 652 -39.19 -12.21 -1.71
CA GLU A 652 -39.70 -12.76 -0.47
C GLU A 652 -38.90 -14.00 -0.10
N VAL A 653 -38.73 -14.21 1.21
CA VAL A 653 -37.98 -15.34 1.74
C VAL A 653 -38.83 -16.05 2.77
N HIS A 654 -38.94 -17.37 2.63
CA HIS A 654 -39.61 -18.19 3.64
C HIS A 654 -38.60 -18.62 4.69
N GLU A 655 -39.12 -18.97 5.87
CA GLU A 655 -38.24 -19.35 6.97
C GLU A 655 -37.47 -20.61 6.62
N PRO A 656 -36.15 -20.61 6.75
CA PRO A 656 -35.35 -21.75 6.29
C PRO A 656 -35.47 -22.95 7.22
N LYS A 657 -35.06 -24.10 6.70
CA LYS A 657 -34.98 -25.31 7.50
C LYS A 657 -33.75 -25.22 8.39
N MET A 658 -33.97 -25.00 9.69
CA MET A 658 -32.90 -24.63 10.62
C MET A 658 -32.08 -25.88 10.97
N VAL A 659 -31.15 -26.23 10.08
CA VAL A 659 -30.19 -27.28 10.34
C VAL A 659 -29.06 -26.70 11.17
N GLU A 660 -28.21 -27.56 11.73
CA GLU A 660 -27.20 -27.09 12.67
C GLU A 660 -26.04 -28.08 12.70
N VAL A 661 -24.87 -27.58 13.10
CA VAL A 661 -23.68 -28.39 13.22
C VAL A 661 -23.48 -28.76 14.69
N VAL A 662 -22.59 -29.73 14.94
CA VAL A 662 -22.48 -30.31 16.27
C VAL A 662 -21.40 -29.66 17.12
N ASN A 663 -20.40 -29.03 16.51
CA ASN A 663 -19.30 -28.42 17.27
C ASN A 663 -18.78 -27.20 16.54
N ASP A 664 -18.09 -26.34 17.29
CA ASP A 664 -17.50 -25.12 16.75
C ASP A 664 -16.10 -25.38 16.22
N ARG A 665 -16.03 -26.29 15.24
CA ARG A 665 -14.75 -26.67 14.66
C ARG A 665 -14.98 -27.14 13.22
N THR A 666 -13.88 -27.50 12.55
CA THR A 666 -13.98 -27.96 11.17
C THR A 666 -14.72 -29.29 11.07
N GLU A 667 -14.52 -30.19 12.03
CA GLU A 667 -15.14 -31.51 11.97
C GLU A 667 -16.59 -31.48 12.47
N SER A 668 -17.34 -30.52 11.96
CA SER A 668 -18.79 -30.43 12.09
C SER A 668 -19.46 -30.19 10.75
N TYR A 669 -18.86 -29.39 9.88
CA TYR A 669 -19.37 -29.14 8.55
C TYR A 669 -19.02 -30.25 7.57
N LEU A 670 -18.09 -31.12 7.91
CA LEU A 670 -17.80 -32.27 7.07
C LEU A 670 -18.97 -33.25 7.04
N ARG A 671 -19.62 -33.44 8.19
CA ARG A 671 -20.71 -34.40 8.32
C ARG A 671 -22.08 -33.73 8.25
N ALA A 672 -22.34 -32.75 9.11
CA ALA A 672 -23.67 -32.17 9.22
C ALA A 672 -24.12 -31.50 7.92
N LEU A 673 -23.19 -30.92 7.17
CA LEU A 673 -23.57 -30.28 5.91
C LEU A 673 -24.00 -31.32 4.89
N ARG A 674 -23.22 -32.40 4.73
CA ARG A 674 -23.52 -33.38 3.70
C ARG A 674 -24.78 -34.18 4.02
N GLU A 675 -25.09 -34.37 5.30
CA GLU A 675 -26.26 -35.15 5.69
C GLU A 675 -27.56 -34.49 5.24
N LEU A 676 -27.65 -33.17 5.36
CA LEU A 676 -28.89 -32.44 5.14
C LEU A 676 -28.76 -31.39 4.05
N ILE A 677 -28.05 -31.73 2.98
CA ILE A 677 -27.98 -30.89 1.78
C ILE A 677 -28.36 -31.74 0.58
N ALA A 678 -29.32 -31.26 -0.20
CA ALA A 678 -29.85 -31.95 -1.36
C ALA A 678 -30.07 -30.91 -2.46
N PRO A 679 -30.18 -31.36 -3.72
CA PRO A 679 -30.50 -30.41 -4.80
C PRO A 679 -31.80 -29.64 -4.59
N ARG A 680 -32.60 -30.01 -3.59
CA ARG A 680 -33.80 -29.25 -3.22
C ARG A 680 -33.48 -28.06 -2.32
N LEU A 681 -32.23 -27.88 -1.92
CA LEU A 681 -31.82 -26.78 -1.06
C LEU A 681 -31.18 -25.68 -1.91
N GLN A 682 -31.61 -24.45 -1.68
CA GLN A 682 -31.16 -23.30 -2.48
C GLN A 682 -30.01 -22.55 -1.84
N MET A 683 -30.12 -22.20 -0.56
CA MET A 683 -29.15 -21.35 0.12
C MET A 683 -28.58 -22.06 1.34
N VAL A 684 -27.27 -21.89 1.55
CA VAL A 684 -26.59 -22.36 2.74
C VAL A 684 -25.97 -21.15 3.41
N VAL A 685 -26.33 -20.92 4.67
CA VAL A 685 -25.85 -19.79 5.45
C VAL A 685 -24.98 -20.35 6.56
N ILE A 686 -23.70 -20.01 6.56
CA ILE A 686 -22.73 -20.51 7.51
C ILE A 686 -22.19 -19.33 8.31
N VAL A 687 -22.37 -19.38 9.64
CA VAL A 687 -21.91 -18.32 10.52
C VAL A 687 -21.08 -18.95 11.64
N PHE A 688 -20.11 -18.19 12.15
CA PHE A 688 -19.27 -18.62 13.26
C PHE A 688 -18.56 -17.42 13.83
N PRO A 689 -18.34 -17.35 15.15
CA PRO A 689 -17.64 -16.19 15.73
C PRO A 689 -16.17 -16.13 15.32
N THR A 690 -15.45 -17.22 15.51
CA THR A 690 -14.05 -17.26 15.11
C THR A 690 -13.93 -17.42 13.60
N SER A 691 -12.97 -16.71 13.01
CA SER A 691 -12.77 -16.70 11.57
C SER A 691 -11.33 -17.07 11.27
N ARG A 692 -11.11 -18.35 10.97
CA ARG A 692 -9.80 -18.84 10.55
C ARG A 692 -9.87 -19.31 9.10
N ASP A 693 -8.77 -19.12 8.38
CA ASP A 693 -8.78 -19.32 6.93
C ASP A 693 -9.05 -20.77 6.56
N ASP A 694 -8.45 -21.72 7.29
CA ASP A 694 -8.58 -23.12 6.92
C ASP A 694 -10.02 -23.62 7.08
N ARG A 695 -10.65 -23.32 8.22
CA ARG A 695 -12.01 -23.77 8.45
C ARG A 695 -12.99 -23.13 7.47
N TYR A 696 -12.83 -21.83 7.21
CA TYR A 696 -13.70 -21.16 6.24
C TYR A 696 -13.54 -21.78 4.86
N SER A 697 -12.30 -22.04 4.45
CA SER A 697 -12.08 -22.71 3.16
C SER A 697 -12.48 -24.18 3.23
N ALA A 698 -12.47 -24.77 4.43
CA ALA A 698 -12.94 -26.15 4.56
C ALA A 698 -14.42 -26.25 4.21
N VAL A 699 -15.23 -25.31 4.70
CA VAL A 699 -16.63 -25.25 4.30
C VAL A 699 -16.76 -24.85 2.84
N LYS A 700 -15.90 -23.93 2.40
CA LYS A 700 -16.00 -23.42 1.03
C LYS A 700 -15.64 -24.48 0.00
N LYS A 701 -14.62 -25.29 0.26
CA LYS A 701 -14.13 -26.22 -0.75
C LYS A 701 -15.15 -27.29 -1.10
N LEU A 702 -16.16 -27.49 -0.26
CA LEU A 702 -17.24 -28.44 -0.56
C LEU A 702 -18.37 -27.80 -1.35
N CYS A 703 -18.23 -26.54 -1.74
CA CYS A 703 -19.32 -25.80 -2.38
C CYS A 703 -18.96 -25.24 -3.75
N CYS A 704 -17.72 -24.79 -3.94
CA CYS A 704 -17.34 -24.08 -5.16
C CYS A 704 -16.52 -24.92 -6.12
N ILE A 705 -15.51 -25.65 -5.64
CA ILE A 705 -14.60 -26.37 -6.52
C ILE A 705 -15.34 -27.47 -7.29
N GLU A 706 -16.18 -28.24 -6.60
CA GLU A 706 -16.84 -29.38 -7.23
C GLU A 706 -17.84 -28.92 -8.30
N SER A 707 -18.63 -27.91 -8.01
CA SER A 707 -19.66 -27.43 -8.92
C SER A 707 -20.02 -26.00 -8.54
N PRO A 708 -20.56 -25.22 -9.48
CA PRO A 708 -20.99 -23.86 -9.13
C PRO A 708 -22.27 -23.87 -8.31
N ILE A 709 -22.15 -23.59 -7.02
CA ILE A 709 -23.30 -23.58 -6.10
C ILE A 709 -23.16 -22.37 -5.17
N PRO A 710 -24.18 -21.53 -5.05
CA PRO A 710 -24.09 -20.37 -4.16
C PRO A 710 -23.90 -20.80 -2.70
N SER A 711 -23.09 -20.02 -1.99
CA SER A 711 -22.85 -20.25 -0.56
C SER A 711 -22.52 -18.93 0.09
N GLN A 712 -23.22 -18.62 1.18
CA GLN A 712 -23.02 -17.37 1.90
C GLN A 712 -22.41 -17.66 3.27
N VAL A 713 -21.33 -16.96 3.59
CA VAL A 713 -20.62 -17.11 4.85
C VAL A 713 -20.67 -15.80 5.60
N LEU A 714 -21.03 -15.87 6.88
CA LEU A 714 -21.08 -14.71 7.76
C LEU A 714 -20.19 -14.95 8.97
N ILE A 715 -19.88 -13.85 9.67
CA ILE A 715 -19.11 -13.90 10.90
C ILE A 715 -19.91 -13.13 11.95
N ALA A 716 -19.65 -13.45 13.21
CA ALA A 716 -20.34 -12.77 14.30
C ALA A 716 -20.10 -11.26 14.24
N ARG A 717 -18.84 -10.85 14.06
CA ARG A 717 -18.48 -9.44 14.08
C ARG A 717 -19.21 -8.64 13.00
N THR A 718 -19.68 -9.30 11.94
CA THR A 718 -20.49 -8.61 10.94
C THR A 718 -21.89 -8.29 11.48
N ILE A 719 -22.40 -9.11 12.41
CA ILE A 719 -23.79 -9.02 12.84
C ILE A 719 -23.97 -8.29 14.16
N THR A 720 -22.92 -8.22 15.01
CA THR A 720 -23.09 -7.62 16.34
C THR A 720 -23.61 -6.19 16.26
N GLN A 721 -23.29 -5.46 15.19
CA GLN A 721 -23.79 -4.11 15.05
C GLN A 721 -25.31 -4.11 14.91
N GLN A 722 -25.97 -3.22 15.65
CA GLN A 722 -27.42 -3.11 15.64
C GLN A 722 -27.92 -1.99 14.73
N GLN A 723 -27.23 -0.85 14.72
CA GLN A 723 -27.60 0.20 13.77
C GLN A 723 -27.27 -0.20 12.35
N LYS A 724 -26.19 -0.96 12.15
CA LYS A 724 -25.84 -1.50 10.84
C LYS A 724 -26.64 -2.73 10.47
N LEU A 725 -27.40 -3.31 11.41
CA LEU A 725 -28.05 -4.58 11.17
C LEU A 725 -29.02 -4.51 10.00
N ARG A 726 -29.80 -3.42 9.92
CA ARG A 726 -30.60 -3.20 8.72
C ARG A 726 -29.72 -2.97 7.51
N SER A 727 -28.62 -2.22 7.68
CA SER A 727 -27.73 -1.95 6.56
C SER A 727 -27.02 -3.22 6.11
N VAL A 728 -26.45 -3.98 7.05
CA VAL A 728 -25.69 -5.17 6.67
C VAL A 728 -26.62 -6.20 6.03
N ALA A 729 -27.87 -6.28 6.49
CA ALA A 729 -28.83 -7.18 5.86
C ALA A 729 -29.09 -6.78 4.42
N GLN A 730 -29.13 -5.48 4.14
CA GLN A 730 -29.34 -5.02 2.78
C GLN A 730 -28.20 -5.47 1.86
N LYS A 731 -26.95 -5.33 2.33
CA LYS A 731 -25.82 -5.77 1.53
C LYS A 731 -25.86 -7.29 1.34
N VAL A 732 -26.16 -8.04 2.40
CA VAL A 732 -26.25 -9.49 2.30
C VAL A 732 -27.41 -9.87 1.39
N ALA A 733 -28.56 -9.21 1.53
CA ALA A 733 -29.68 -9.48 0.64
C ALA A 733 -29.29 -9.25 -0.81
N LEU A 734 -28.51 -8.21 -1.08
CA LEU A 734 -27.95 -8.03 -2.41
C LEU A 734 -26.85 -9.03 -2.69
N GLN A 735 -26.08 -9.42 -1.66
CA GLN A 735 -25.03 -10.41 -1.85
C GLN A 735 -25.60 -11.79 -2.15
N MET A 736 -26.59 -12.23 -1.35
CA MET A 736 -27.23 -13.52 -1.62
C MET A 736 -27.90 -13.52 -2.97
N ASN A 737 -28.67 -12.48 -3.27
CA ASN A 737 -29.36 -12.41 -4.56
C ASN A 737 -28.38 -12.34 -5.73
N ALA A 738 -27.22 -11.73 -5.53
CA ALA A 738 -26.17 -11.80 -6.56
C ALA A 738 -25.66 -13.22 -6.71
N LYS A 739 -25.48 -13.93 -5.59
CA LYS A 739 -25.04 -15.32 -5.65
C LYS A 739 -26.15 -16.26 -6.09
N LEU A 740 -27.41 -15.87 -5.88
CA LEU A 740 -28.54 -16.65 -6.37
C LEU A 740 -28.63 -16.65 -7.89
N GLY A 741 -27.91 -15.77 -8.58
CA GLY A 741 -28.08 -15.60 -10.00
C GLY A 741 -29.21 -14.67 -10.38
N GLY A 742 -29.66 -13.82 -9.46
CA GLY A 742 -30.72 -12.89 -9.77
C GLY A 742 -30.20 -11.49 -10.07
N GLU A 743 -30.95 -10.78 -10.92
CA GLU A 743 -30.59 -9.43 -11.27
C GLU A 743 -30.77 -8.48 -10.08
N LEU A 744 -30.07 -7.35 -10.13
CA LEU A 744 -30.10 -6.37 -9.05
C LEU A 744 -30.16 -4.98 -9.69
N TRP A 745 -29.87 -3.96 -8.88
CA TRP A 745 -30.02 -2.59 -9.37
C TRP A 745 -29.04 -2.33 -10.50
N ALA A 746 -29.37 -1.35 -11.34
CA ALA A 746 -28.53 -0.96 -12.46
C ALA A 746 -28.45 0.56 -12.48
N VAL A 747 -27.88 1.10 -13.56
CA VAL A 747 -27.75 2.53 -13.75
C VAL A 747 -28.20 2.86 -15.17
N GLU A 748 -28.31 4.16 -15.45
CA GLU A 748 -28.58 4.60 -16.82
C GLU A 748 -27.35 4.32 -17.67
N ILE A 749 -27.40 3.25 -18.46
CA ILE A 749 -26.24 2.77 -19.22
C ILE A 749 -26.36 3.25 -20.66
N PRO A 750 -25.48 4.16 -21.13
CA PRO A 750 -25.33 4.43 -22.56
C PRO A 750 -24.26 3.54 -23.19
N LEU A 751 -24.31 2.25 -22.90
CA LEU A 751 -23.23 1.35 -23.27
C LEU A 751 -23.74 -0.08 -23.22
N LYS A 752 -22.97 -0.98 -23.83
CA LYS A 752 -23.28 -2.41 -23.82
C LYS A 752 -22.03 -3.17 -24.23
N SER A 753 -22.10 -4.50 -24.12
CA SER A 753 -21.01 -5.40 -24.50
C SER A 753 -19.71 -5.00 -23.79
N CYS A 754 -19.81 -4.74 -22.49
CA CYS A 754 -18.67 -4.33 -21.69
C CYS A 754 -18.36 -5.38 -20.63
N MET A 755 -17.08 -5.47 -20.26
CA MET A 755 -16.62 -6.43 -19.28
C MET A 755 -16.46 -5.74 -17.93
N VAL A 756 -16.75 -6.49 -16.85
CA VAL A 756 -16.65 -5.98 -15.49
C VAL A 756 -15.80 -6.96 -14.71
N VAL A 757 -15.20 -7.92 -15.42
CA VAL A 757 -14.44 -9.01 -14.80
C VAL A 757 -13.28 -8.45 -14.00
N GLY A 758 -13.32 -8.63 -12.69
CA GLY A 758 -12.24 -8.17 -11.82
C GLY A 758 -11.29 -9.27 -11.43
N ILE A 759 -10.11 -9.31 -12.08
CA ILE A 759 -9.12 -10.33 -11.77
C ILE A 759 -8.45 -10.00 -10.44
N ASP A 760 -8.04 -11.05 -9.73
CA ASP A 760 -7.34 -10.88 -8.45
C ASP A 760 -6.46 -12.10 -8.23
N VAL A 761 -5.16 -11.90 -8.16
CA VAL A 761 -4.18 -12.98 -8.06
C VAL A 761 -3.71 -13.09 -6.61
N TYR A 762 -3.87 -14.27 -6.02
CA TYR A 762 -3.44 -14.53 -4.65
C TYR A 762 -2.15 -15.33 -4.69
N HIS A 763 -1.04 -14.62 -4.82
CA HIS A 763 0.30 -15.22 -4.86
C HIS A 763 1.00 -14.84 -3.55
N ASP A 764 0.88 -15.71 -2.54
CA ASP A 764 1.50 -15.48 -1.25
C ASP A 764 2.53 -16.54 -0.90
N LYS A 765 2.19 -17.82 -1.02
CA LYS A 765 3.10 -18.91 -0.68
C LYS A 765 3.42 -19.71 -1.93
N SER A 766 4.70 -20.03 -2.10
CA SER A 766 5.11 -20.85 -3.24
C SER A 766 4.53 -22.26 -3.15
N TYR A 767 4.48 -22.81 -1.93
CA TYR A 767 3.87 -24.13 -1.75
C TYR A 767 2.39 -24.12 -2.08
N GLY A 768 1.69 -23.05 -1.73
CA GLY A 768 0.27 -22.93 -2.04
C GLY A 768 0.00 -22.07 -3.24
N ASN A 769 0.84 -22.19 -4.28
CA ASN A 769 0.72 -21.39 -5.49
C ASN A 769 -0.50 -21.89 -6.25
N LYS A 770 -1.66 -21.30 -5.92
CA LYS A 770 -2.91 -21.65 -6.57
C LYS A 770 -3.63 -20.47 -7.21
N SER A 771 -3.34 -19.23 -6.77
CA SER A 771 -3.97 -18.02 -7.29
C SER A 771 -5.49 -18.08 -7.10
N ILE A 772 -5.89 -18.20 -5.83
CA ILE A 772 -7.30 -18.29 -5.45
C ILE A 772 -7.64 -17.03 -4.66
N ALA A 773 -8.21 -16.04 -5.36
CA ALA A 773 -8.68 -14.83 -4.71
C ALA A 773 -10.09 -14.50 -5.17
N GLY A 774 -10.45 -14.96 -6.37
CA GLY A 774 -11.76 -14.70 -6.93
C GLY A 774 -11.63 -14.20 -8.35
N PHE A 775 -12.65 -14.48 -9.16
CA PHE A 775 -12.69 -14.05 -10.56
C PHE A 775 -14.07 -13.45 -10.85
N VAL A 776 -14.49 -12.52 -9.99
CA VAL A 776 -15.80 -11.88 -10.13
C VAL A 776 -16.03 -11.45 -11.57
N ALA A 777 -17.22 -11.72 -12.07
CA ALA A 777 -17.58 -11.41 -13.45
C ALA A 777 -18.96 -10.74 -13.47
N SER A 778 -19.45 -10.46 -14.67
CA SER A 778 -20.78 -9.88 -14.86
C SER A 778 -21.33 -10.40 -16.18
N THR A 779 -22.50 -11.04 -16.12
CA THR A 779 -23.07 -11.74 -17.26
C THR A 779 -24.43 -11.21 -17.68
N ASN A 780 -24.58 -9.89 -17.72
CA ASN A 780 -25.78 -9.26 -18.26
C ASN A 780 -25.44 -7.82 -18.64
N PRO A 781 -26.08 -7.27 -19.67
CA PRO A 781 -25.73 -5.92 -20.13
C PRO A 781 -25.91 -4.85 -19.07
N SER A 782 -26.83 -5.07 -18.12
CA SER A 782 -27.05 -4.11 -17.05
C SER A 782 -26.08 -4.28 -15.89
N PHE A 783 -25.14 -5.23 -15.99
CA PHE A 783 -24.14 -5.47 -14.94
C PHE A 783 -24.78 -5.76 -13.59
N THR A 784 -25.83 -6.59 -13.60
CA THR A 784 -26.54 -6.97 -12.39
C THR A 784 -26.41 -8.45 -12.06
N ARG A 785 -25.63 -9.20 -12.85
CA ARG A 785 -25.47 -10.64 -12.69
C ARG A 785 -24.02 -10.91 -12.31
N TRP A 786 -23.75 -10.95 -11.00
CA TRP A 786 -22.40 -11.10 -10.46
C TRP A 786 -22.24 -12.50 -9.88
N TYR A 787 -21.77 -13.42 -10.72
CA TYR A 787 -21.55 -14.81 -10.34
C TYR A 787 -20.04 -15.05 -10.27
N SER A 788 -19.50 -14.98 -9.05
CA SER A 788 -18.05 -15.07 -8.88
C SER A 788 -17.56 -16.50 -9.06
N ARG A 789 -16.39 -16.64 -9.66
CA ARG A 789 -15.72 -17.93 -9.80
C ARG A 789 -14.30 -17.83 -9.26
N THR A 790 -13.49 -18.87 -9.48
CA THR A 790 -12.11 -18.88 -9.02
C THR A 790 -11.22 -19.52 -10.08
N ALA A 791 -9.94 -19.14 -10.06
CA ALA A 791 -8.99 -19.72 -11.00
C ALA A 791 -8.63 -21.14 -10.57
N MET A 792 -8.44 -22.01 -11.57
CA MET A 792 -8.13 -23.42 -11.34
C MET A 792 -6.89 -23.81 -12.14
N GLN A 793 -5.85 -22.97 -12.07
CA GLN A 793 -4.63 -23.19 -12.82
C GLN A 793 -3.45 -22.66 -12.03
N GLU A 794 -2.25 -22.90 -12.55
CA GLU A 794 -1.03 -22.43 -11.91
C GLU A 794 0.09 -22.42 -12.94
N GLN A 795 0.59 -21.25 -13.29
CA GLN A 795 1.66 -21.10 -14.28
C GLN A 795 2.08 -19.64 -14.30
N SER A 796 3.35 -19.41 -14.64
CA SER A 796 3.93 -18.06 -14.64
C SER A 796 3.67 -17.31 -15.94
N GLN A 797 4.13 -17.84 -17.08
CA GLN A 797 4.03 -17.15 -18.36
C GLN A 797 2.82 -17.56 -19.18
N GLU A 798 2.51 -18.86 -19.25
CA GLU A 798 1.34 -19.32 -19.99
C GLU A 798 0.03 -19.01 -19.28
N LEU A 799 0.06 -18.19 -18.22
CA LEU A 799 -1.15 -17.77 -17.54
C LEU A 799 -2.09 -17.01 -18.45
N ILE A 800 -1.59 -16.46 -19.56
CA ILE A 800 -2.45 -15.74 -20.50
C ILE A 800 -3.48 -16.68 -21.10
N HIS A 801 -3.08 -17.93 -21.36
CA HIS A 801 -3.99 -18.87 -22.00
C HIS A 801 -4.94 -19.53 -20.99
N GLU A 802 -4.42 -19.97 -19.85
CA GLU A 802 -5.24 -20.69 -18.89
C GLU A 802 -6.14 -19.79 -18.05
N LEU A 803 -5.84 -18.48 -17.99
CA LEU A 803 -6.78 -17.56 -17.35
C LEU A 803 -8.01 -17.31 -18.22
N LYS A 804 -7.90 -17.54 -19.53
CA LYS A 804 -9.05 -17.41 -20.41
C LYS A 804 -10.13 -18.45 -20.13
N LEU A 805 -9.76 -19.55 -19.47
CA LEU A 805 -10.76 -20.56 -19.09
C LEU A 805 -11.81 -19.96 -18.18
N CYS A 806 -11.39 -19.15 -17.21
CA CYS A 806 -12.34 -18.43 -16.37
C CYS A 806 -13.11 -17.39 -17.20
N MET A 807 -12.43 -16.76 -18.16
CA MET A 807 -13.12 -15.86 -19.08
C MET A 807 -14.16 -16.60 -19.90
N GLN A 808 -13.79 -17.79 -20.42
CA GLN A 808 -14.76 -18.61 -21.13
C GLN A 808 -15.87 -19.08 -20.19
N ALA A 809 -15.51 -19.46 -18.97
CA ALA A 809 -16.51 -19.86 -18.00
C ALA A 809 -17.46 -18.71 -17.66
N ALA A 810 -17.00 -17.47 -17.81
CA ALA A 810 -17.87 -16.31 -17.64
C ALA A 810 -18.53 -15.88 -18.94
N LEU A 811 -17.85 -16.05 -20.08
CA LEU A 811 -18.45 -15.68 -21.36
C LEU A 811 -19.48 -16.70 -21.81
N LYS A 812 -19.22 -17.98 -21.56
CA LYS A 812 -20.20 -19.01 -21.91
C LYS A 812 -21.48 -18.84 -21.08
N LYS A 813 -21.33 -18.54 -19.80
CA LYS A 813 -22.50 -18.22 -18.97
C LYS A 813 -23.20 -16.98 -19.50
N TYR A 814 -22.43 -16.03 -20.04
CA TYR A 814 -23.03 -14.86 -20.69
C TYR A 814 -23.84 -15.27 -21.90
N ASN A 815 -23.32 -16.21 -22.70
CA ASN A 815 -24.06 -16.70 -23.86
C ASN A 815 -25.24 -17.57 -23.43
N GLU A 816 -25.11 -18.25 -22.29
CA GLU A 816 -26.16 -19.15 -21.82
C GLU A 816 -27.35 -18.42 -21.23
N MET A 817 -27.22 -17.14 -20.91
CA MET A 817 -28.33 -16.36 -20.36
C MET A 817 -28.65 -15.10 -21.14
N ASN A 818 -27.79 -14.67 -22.07
CA ASN A 818 -28.03 -13.50 -22.89
C ASN A 818 -28.05 -13.81 -24.37
N GLN A 819 -27.62 -15.00 -24.78
CA GLN A 819 -27.64 -15.49 -26.17
C GLN A 819 -26.97 -14.52 -27.14
N SER A 820 -26.10 -13.64 -26.64
CA SER A 820 -25.35 -12.72 -27.47
C SER A 820 -23.99 -12.45 -26.84
N LEU A 821 -22.94 -12.56 -27.64
CA LEU A 821 -21.60 -12.34 -27.14
C LEU A 821 -21.37 -10.85 -26.90
N PRO A 822 -20.90 -10.46 -25.70
CA PRO A 822 -20.63 -9.06 -25.38
C PRO A 822 -19.38 -8.54 -26.08
N GLN A 869 -3.22 -2.42 -11.27
CA GLN A 869 -2.90 -1.02 -11.53
C GLN A 869 -4.04 -0.11 -11.08
N LYS A 870 -4.24 -0.01 -9.76
CA LYS A 870 -5.35 0.77 -9.23
C LYS A 870 -4.98 1.55 -7.98
N ARG A 871 -3.72 2.01 -7.87
CA ARG A 871 -3.33 2.78 -6.69
C ARG A 871 -2.11 3.63 -7.01
N ILE A 872 -2.12 4.87 -6.52
CA ILE A 872 -1.04 5.82 -6.69
C ILE A 872 -0.95 6.70 -5.45
N THR A 873 0.05 7.58 -5.43
CA THR A 873 0.15 8.61 -4.40
C THR A 873 0.10 9.99 -5.05
N THR A 874 -0.83 10.16 -5.99
CA THR A 874 -0.94 11.36 -6.80
C THR A 874 -2.21 12.14 -6.41
N ARG A 875 -2.22 13.42 -6.76
CA ARG A 875 -3.41 14.25 -6.70
C ARG A 875 -3.62 14.88 -8.07
N ILE A 876 -4.87 14.96 -8.50
CA ILE A 876 -5.23 15.37 -9.85
C ILE A 876 -5.84 16.77 -9.81
N PHE A 877 -5.28 17.67 -10.61
CA PHE A 877 -5.81 19.01 -10.81
C PHE A 877 -6.23 19.08 -12.28
N GLY A 878 -7.50 18.75 -12.53
CA GLY A 878 -7.94 18.48 -13.89
C GLY A 878 -7.83 19.69 -14.80
N ARG A 879 -7.69 19.40 -16.10
CA ARG A 879 -7.62 20.46 -17.10
C ARG A 879 -9.01 20.95 -17.47
N SER A 880 -9.81 21.24 -16.46
CA SER A 880 -11.11 21.90 -16.65
C SER A 880 -11.42 22.61 -15.33
N GLY A 881 -11.12 23.90 -15.26
CA GLY A 881 -11.15 24.61 -14.01
C GLY A 881 -9.88 24.40 -13.21
N HIS A 882 -9.36 25.47 -12.62
CA HIS A 882 -8.09 25.42 -11.92
C HIS A 882 -8.23 25.13 -10.43
N SER A 883 -9.43 24.78 -9.97
CA SER A 883 -9.67 24.54 -8.55
C SER A 883 -8.79 23.42 -8.03
N TYR A 884 -7.89 23.76 -7.10
CA TYR A 884 -7.01 22.77 -6.47
C TYR A 884 -7.77 22.08 -5.35
N ASP A 885 -8.70 21.22 -5.75
CA ASP A 885 -9.53 20.49 -4.80
C ASP A 885 -9.88 19.13 -5.41
N ASN A 886 -10.89 18.49 -4.84
CA ASN A 886 -11.29 17.15 -5.30
C ASN A 886 -11.78 17.23 -6.74
N PRO A 887 -11.22 16.45 -7.65
CA PRO A 887 -11.71 16.45 -9.03
C PRO A 887 -13.14 15.97 -9.09
N PRO A 888 -13.94 16.49 -10.02
CA PRO A 888 -15.30 16.00 -10.19
C PRO A 888 -15.30 14.52 -10.52
N PRO A 889 -16.26 13.76 -9.98
CA PRO A 889 -16.32 12.32 -10.27
C PRO A 889 -16.48 12.08 -11.76
N GLY A 890 -15.46 11.46 -12.36
CA GLY A 890 -15.43 11.23 -13.78
C GLY A 890 -14.62 12.28 -14.53
N VAL A 891 -13.51 12.71 -13.92
CA VAL A 891 -12.69 13.75 -14.52
C VAL A 891 -11.91 13.17 -15.69
N ILE A 892 -11.76 13.98 -16.75
CA ILE A 892 -11.07 13.56 -17.97
C ILE A 892 -9.72 14.27 -18.00
N VAL A 893 -8.66 13.52 -17.68
CA VAL A 893 -7.28 14.02 -17.77
C VAL A 893 -6.41 12.89 -18.30
N ASP A 894 -5.88 13.07 -19.51
CA ASP A 894 -4.96 12.10 -20.08
C ASP A 894 -3.81 12.74 -20.86
N HIS A 895 -3.64 14.05 -20.78
CA HIS A 895 -2.63 14.74 -21.59
C HIS A 895 -2.07 15.91 -20.81
N THR A 896 -0.76 15.89 -20.57
CA THR A 896 0.00 17.00 -19.98
C THR A 896 -0.43 17.34 -18.56
N ILE A 897 -1.40 16.60 -18.01
CA ILE A 897 -1.81 16.73 -16.64
C ILE A 897 -1.63 15.43 -15.86
N THR A 898 -0.81 14.52 -16.37
CA THR A 898 -0.53 13.26 -15.70
C THR A 898 0.77 12.70 -16.27
N LYS A 899 1.19 11.54 -15.75
CA LYS A 899 2.45 10.94 -16.12
C LYS A 899 2.51 10.57 -17.60
N SER A 900 1.64 9.66 -18.03
CA SER A 900 1.66 9.19 -19.41
C SER A 900 0.28 9.24 -20.03
N TYR A 901 0.13 8.64 -21.22
CA TYR A 901 -1.17 8.60 -21.89
C TYR A 901 -2.20 7.77 -21.14
N ASP A 902 -1.77 6.95 -20.18
CA ASP A 902 -2.71 6.19 -19.37
C ASP A 902 -3.67 7.14 -18.66
N PHE A 903 -4.94 6.77 -18.63
CA PHE A 903 -5.96 7.61 -18.03
C PHE A 903 -5.87 7.56 -16.51
N TYR A 904 -6.09 8.72 -15.88
CA TYR A 904 -6.04 8.86 -14.43
C TYR A 904 -7.35 9.49 -13.99
N LEU A 905 -8.21 8.68 -13.37
CA LEU A 905 -9.61 9.03 -13.21
C LEU A 905 -9.95 9.28 -11.75
N VAL A 906 -11.15 9.81 -11.52
CA VAL A 906 -11.68 10.04 -10.18
C VAL A 906 -13.14 9.64 -10.16
N SER A 907 -13.47 8.64 -9.33
CA SER A 907 -14.86 8.31 -9.05
C SER A 907 -15.04 7.93 -7.59
N GLN A 908 -14.04 8.16 -6.75
CA GLN A 908 -13.98 7.65 -5.38
C GLN A 908 -14.18 8.85 -4.46
N HIS A 909 -15.41 9.00 -3.97
CA HIS A 909 -15.78 10.19 -3.20
C HIS A 909 -15.19 10.12 -1.80
N VAL A 910 -14.84 11.28 -1.26
CA VAL A 910 -14.11 11.39 0.00
C VAL A 910 -14.86 12.31 0.95
N ARG A 911 -14.83 11.96 2.23
CA ARG A 911 -15.30 12.85 3.30
C ARG A 911 -14.19 13.22 4.27
N GLN A 912 -13.48 12.22 4.80
CA GLN A 912 -12.34 12.46 5.67
C GLN A 912 -11.06 12.22 4.88
N GLY A 913 -10.15 13.19 4.96
CA GLY A 913 -8.87 13.09 4.27
C GLY A 913 -8.93 13.66 2.86
N THR A 914 -7.74 13.97 2.34
CA THR A 914 -7.61 14.48 0.99
C THR A 914 -7.89 13.38 -0.02
N VAL A 915 -8.52 13.76 -1.14
CA VAL A 915 -8.83 12.79 -2.18
C VAL A 915 -7.55 12.22 -2.76
N SER A 916 -7.54 10.90 -2.94
CA SER A 916 -6.45 10.21 -3.64
C SER A 916 -7.02 9.58 -4.89
N PRO A 917 -6.83 10.21 -6.06
CA PRO A 917 -7.38 9.64 -7.30
C PRO A 917 -6.81 8.28 -7.61
N THR A 918 -7.63 7.44 -8.24
CA THR A 918 -7.21 6.13 -8.68
C THR A 918 -6.61 6.24 -10.09
N TYR A 919 -5.53 5.50 -10.31
CA TYR A 919 -4.89 5.47 -11.62
C TYR A 919 -5.25 4.20 -12.37
N TYR A 920 -5.38 4.33 -13.69
CA TYR A 920 -5.90 3.25 -14.51
C TYR A 920 -5.00 3.08 -15.73
N ARG A 921 -4.91 1.85 -16.22
CA ARG A 921 -4.25 1.60 -17.50
C ARG A 921 -5.24 1.83 -18.64
N VAL A 922 -4.81 1.55 -19.85
CA VAL A 922 -5.65 1.68 -21.02
C VAL A 922 -5.98 0.29 -21.55
N ILE A 923 -7.12 0.19 -22.24
CA ILE A 923 -7.52 -1.06 -22.87
C ILE A 923 -7.04 -1.04 -24.31
N TYR A 924 -7.53 -0.08 -25.09
CA TYR A 924 -7.10 0.10 -26.47
C TYR A 924 -7.45 1.52 -26.92
N ASP A 925 -6.55 2.10 -27.71
CA ASP A 925 -6.77 3.41 -28.29
C ASP A 925 -7.18 3.34 -29.76
N LYS A 926 -7.39 2.13 -30.29
CA LYS A 926 -7.75 1.95 -31.69
C LYS A 926 -9.07 1.22 -31.91
N SER A 927 -9.67 0.67 -30.85
CA SER A 927 -10.96 -0.01 -30.99
C SER A 927 -12.12 0.97 -31.16
N GLY A 928 -11.89 2.26 -30.99
CA GLY A 928 -12.94 3.25 -31.14
C GLY A 928 -13.56 3.72 -29.85
N LEU A 929 -13.01 3.36 -28.70
CA LEU A 929 -13.57 3.77 -27.41
C LEU A 929 -13.05 5.16 -27.06
N LYS A 930 -13.97 6.12 -27.01
CA LYS A 930 -13.60 7.46 -26.60
C LYS A 930 -13.18 7.46 -25.13
N PRO A 931 -12.08 8.14 -24.77
CA PRO A 931 -11.68 8.18 -23.35
C PRO A 931 -12.73 8.79 -22.45
N ASP A 932 -13.53 9.73 -22.95
CA ASP A 932 -14.56 10.34 -22.12
C ASP A 932 -15.60 9.32 -21.67
N HIS A 933 -16.00 8.42 -22.56
CA HIS A 933 -16.96 7.39 -22.18
C HIS A 933 -16.33 6.37 -21.24
N LEU A 934 -15.04 6.06 -21.44
CA LEU A 934 -14.34 5.20 -20.49
C LEU A 934 -14.26 5.86 -19.11
N GLN A 935 -14.12 7.18 -19.07
CA GLN A 935 -14.25 7.89 -17.81
C GLN A 935 -15.64 7.70 -17.23
N ARG A 936 -16.67 7.82 -18.07
CA ARG A 936 -18.03 7.55 -17.62
C ARG A 936 -18.21 6.09 -17.25
N LEU A 937 -17.65 5.17 -18.05
CA LEU A 937 -17.80 3.75 -17.76
C LEU A 937 -17.19 3.39 -16.41
N THR A 938 -15.99 3.91 -16.13
CA THR A 938 -15.41 3.74 -14.81
C THR A 938 -16.24 4.44 -13.75
N TYR A 939 -16.80 5.61 -14.08
CA TYR A 939 -17.69 6.30 -13.15
C TYR A 939 -18.97 5.51 -12.91
N LYS A 940 -19.55 4.94 -13.97
CA LYS A 940 -20.77 4.16 -13.81
C LYS A 940 -20.51 2.81 -13.17
N LEU A 941 -19.43 2.12 -13.58
CA LEU A 941 -19.07 0.85 -12.95
C LEU A 941 -18.66 1.04 -11.50
N THR A 942 -18.35 2.26 -11.08
CA THR A 942 -18.01 2.52 -9.69
C THR A 942 -19.18 2.20 -8.78
N HIS A 943 -20.40 2.46 -9.22
CA HIS A 943 -21.60 2.18 -8.44
C HIS A 943 -22.02 0.72 -8.47
N MET A 944 -21.37 -0.12 -9.30
CA MET A 944 -21.88 -1.45 -9.59
C MET A 944 -21.26 -2.53 -8.71
N TYR A 945 -20.46 -2.18 -7.73
CA TYR A 945 -19.98 -3.18 -6.78
C TYR A 945 -21.11 -3.54 -5.84
N TYR A 946 -21.46 -4.83 -5.81
CA TYR A 946 -22.70 -5.26 -5.16
C TYR A 946 -22.50 -5.60 -3.70
N ASN A 947 -21.89 -4.67 -2.96
CA ASN A 947 -21.76 -4.82 -1.52
C ASN A 947 -21.85 -3.48 -0.78
N TRP A 948 -22.03 -2.37 -1.51
CA TRP A 948 -22.13 -1.04 -0.91
C TRP A 948 -22.94 -0.14 -1.85
N PRO A 949 -24.12 0.31 -1.43
CA PRO A 949 -24.94 1.15 -2.31
C PRO A 949 -24.40 2.57 -2.42
N GLY A 950 -23.41 2.76 -3.28
CA GLY A 950 -22.80 4.07 -3.45
C GLY A 950 -21.65 4.06 -4.44
N THR A 951 -20.55 4.71 -4.09
CA THR A 951 -19.37 4.79 -4.92
C THR A 951 -18.21 4.04 -4.28
N ILE A 952 -17.43 3.34 -5.10
CA ILE A 952 -16.24 2.64 -4.63
C ILE A 952 -15.04 3.11 -5.45
N ARG A 953 -13.85 2.59 -5.12
CA ARG A 953 -12.64 3.07 -5.79
C ARG A 953 -12.64 2.70 -7.27
N THR A 954 -12.88 1.44 -7.59
CA THR A 954 -12.35 0.83 -8.80
C THR A 954 -13.42 -0.02 -9.48
N PRO A 955 -13.24 -0.31 -10.77
CA PRO A 955 -14.04 -1.35 -11.42
C PRO A 955 -13.46 -2.73 -11.14
N ALA A 956 -14.22 -3.54 -10.41
CA ALA A 956 -13.78 -4.89 -10.07
C ALA A 956 -14.83 -5.93 -10.43
N HIS A 978 -21.38 15.97 -0.48
CA HIS A 978 -21.35 16.43 -1.87
C HIS A 978 -21.13 17.94 -1.94
N GLU A 979 -21.91 18.68 -1.15
CA GLU A 979 -21.81 20.14 -1.06
C GLU A 979 -21.64 20.56 0.39
N LEU A 980 -20.75 19.87 1.10
CA LEU A 980 -20.50 20.11 2.52
C LEU A 980 -19.02 20.47 2.72
N SER A 981 -18.62 20.56 3.99
CA SER A 981 -17.25 20.92 4.37
C SER A 981 -16.87 22.29 3.83
N ASP A 982 -17.80 23.24 3.88
CA ASP A 982 -17.54 24.61 3.46
C ASP A 982 -17.01 25.43 4.64
N ARG A 983 -17.79 25.52 5.72
CA ARG A 983 -17.37 26.22 6.92
C ARG A 983 -16.51 25.27 7.77
N LEU A 984 -16.27 25.65 9.02
CA LEU A 984 -15.52 24.79 9.93
C LEU A 984 -16.25 23.47 10.12
N PHE A 985 -15.52 22.37 9.98
CA PHE A 985 -16.11 21.04 10.02
C PHE A 985 -16.11 20.44 11.42
N PHE A 986 -14.98 20.55 12.14
CA PHE A 986 -14.85 20.03 13.49
C PHE A 986 -14.64 21.13 14.52
N LEU A 987 -15.21 22.30 14.29
CA LEU A 987 -15.07 23.42 15.21
C LEU A 987 -16.43 24.01 15.57
#